data_1KEJ
#
_entry.id   1KEJ
#
_cell.length_a   46.900
_cell.length_b   85.300
_cell.length_c   108.300
_cell.angle_alpha   90.00
_cell.angle_beta   90.00
_cell.angle_gamma   90.00
#
_symmetry.space_group_name_H-M   'P 21 21 21'
#
loop_
_entity.id
_entity.type
_entity.pdbx_description
1 polymer 'Terminal deoxynucleotidyltransferase short isoform'
2 non-polymer 'COBALT (II) ION'
3 non-polymer 'SODIUM ION'
4 non-polymer "2',3'-DIDEOXYADENOSINE-5'-TRIPHOSPHATE"
5 water water
#
_entity_poly.entity_id   1
_entity_poly.type   'polypeptide(L)'
_entity_poly.pdbx_seq_one_letter_code
;KKISQYACQRRTTLNNYNQLFTDALDILAENDELRENEGSCLAFMRASSVLKSLPFPITSMKDTEGIPCLGDKVKSIIEG
IIEDGESSEAKAVLNDERYKSFKLFTSVFGVGLKTAEKWFRMGFRTLSKIQSDKSLRFTQMQKAGFLYYEDLVSCVNRPE
AEAVSMLVKEAVVTFLPDALVTMTGGFRRGKMTGHDVDFLITSPEATEDEEQQLLHKVTDFWKQQGLLLYCDILESTFEK
FKQPSRKVDALDHFQKCFLILKLDHGRVHSEKSGQQEGKGWKAIRVDLVMCPYDRRAFALLGWTGSRQFERDLRRYATHE
RKMMLDNHALYDRTKRVFLEAESEEEIFAHLGLDYIEPWERNA
;
_entity_poly.pdbx_strand_id   A
#
loop_
_chem_comp.id
_chem_comp.type
_chem_comp.name
_chem_comp.formula
CO non-polymer 'COBALT (II) ION' 'Co 2'
DAD non-polymer 2',3'-DIDEOXYADENOSINE-5'-TRIPHOSPHATE 'C10 H16 N5 O11 P3'
NA non-polymer 'SODIUM ION' 'Na 1'
#
# COMPACT_ATOMS: atom_id res chain seq x y z
N LYS A 1 -19.47 -19.86 12.19
CA LYS A 1 -19.68 -18.63 13.00
C LYS A 1 -20.18 -17.48 12.13
N LYS A 2 -20.80 -16.49 12.76
CA LYS A 2 -21.33 -15.33 12.05
C LYS A 2 -20.29 -14.22 12.04
N ILE A 3 -19.52 -14.15 10.96
CA ILE A 3 -18.47 -13.14 10.81
C ILE A 3 -18.97 -11.70 10.71
N SER A 4 -18.05 -10.77 10.51
CA SER A 4 -18.40 -9.35 10.42
C SER A 4 -18.24 -8.77 9.03
N GLN A 5 -18.86 -7.62 8.80
CA GLN A 5 -18.76 -6.93 7.52
C GLN A 5 -17.67 -5.86 7.55
N TYR A 6 -16.99 -5.76 8.69
CA TYR A 6 -15.88 -4.83 8.86
C TYR A 6 -14.55 -5.58 8.92
N ALA A 7 -13.75 -5.39 7.88
CA ALA A 7 -12.45 -6.04 7.81
C ALA A 7 -11.71 -5.95 9.13
N CYS A 8 -11.99 -4.90 9.90
CA CYS A 8 -11.33 -4.67 11.19
C CYS A 8 -11.67 -5.74 12.18
N GLN A 9 -12.68 -6.53 11.86
CA GLN A 9 -13.08 -7.62 12.74
C GLN A 9 -12.97 -8.92 11.97
N ARG A 10 -12.13 -8.89 10.95
CA ARG A 10 -11.87 -10.05 10.12
C ARG A 10 -10.42 -10.45 10.33
N ARG A 11 -10.13 -11.73 10.27
CA ARG A 11 -8.76 -12.19 10.42
C ARG A 11 -8.27 -12.64 9.05
N THR A 12 -7.78 -11.69 8.27
CA THR A 12 -7.30 -11.95 6.91
C THR A 12 -5.82 -12.28 6.83
N THR A 13 -5.56 -13.58 6.78
CA THR A 13 -4.22 -14.14 6.71
C THR A 13 -3.84 -14.32 5.26
N LEU A 14 -2.54 -14.42 4.97
CA LEU A 14 -2.12 -14.60 3.57
C LEU A 14 -2.52 -15.96 3.02
N ASN A 15 -3.08 -16.80 3.88
CA ASN A 15 -3.50 -18.10 3.41
C ASN A 15 -4.89 -18.02 2.84
N ASN A 16 -4.96 -17.76 1.54
CA ASN A 16 -6.22 -17.64 0.82
C ASN A 16 -6.65 -18.95 0.18
N TYR A 17 -7.94 -19.27 0.31
CA TYR A 17 -8.46 -20.51 -0.26
C TYR A 17 -9.37 -20.24 -1.43
N ASN A 18 -9.33 -19.01 -1.95
CA ASN A 18 -10.21 -18.68 -3.05
C ASN A 18 -9.52 -17.78 -4.05
N GLN A 19 -8.20 -17.94 -4.12
CA GLN A 19 -7.38 -17.14 -5.02
C GLN A 19 -8.05 -17.03 -6.38
N LEU A 20 -8.78 -18.07 -6.74
CA LEU A 20 -9.48 -18.08 -8.00
C LEU A 20 -10.41 -16.88 -8.06
N PHE A 21 -11.47 -16.89 -7.26
CA PHE A 21 -12.40 -15.78 -7.29
C PHE A 21 -11.62 -14.51 -7.06
N THR A 22 -11.12 -14.37 -5.85
CA THR A 22 -10.36 -13.20 -5.45
C THR A 22 -9.59 -12.56 -6.58
N ASP A 23 -8.82 -13.35 -7.30
CA ASP A 23 -8.07 -12.77 -8.39
C ASP A 23 -9.03 -12.11 -9.35
N ALA A 24 -9.90 -12.93 -9.95
CA ALA A 24 -10.86 -12.42 -10.91
C ALA A 24 -11.59 -11.17 -10.42
N LEU A 25 -11.79 -11.05 -9.12
CA LEU A 25 -12.47 -9.88 -8.59
C LEU A 25 -11.55 -8.67 -8.61
N ASP A 26 -10.27 -8.91 -8.29
CA ASP A 26 -9.24 -7.86 -8.25
C ASP A 26 -9.02 -7.23 -9.62
N ILE A 27 -9.36 -7.97 -10.66
CA ILE A 27 -9.18 -7.52 -12.02
C ILE A 27 -10.30 -6.52 -12.32
N LEU A 28 -11.52 -6.96 -12.07
CA LEU A 28 -12.69 -6.14 -12.30
C LEU A 28 -12.62 -4.95 -11.37
N ALA A 29 -12.05 -5.16 -10.19
CA ALA A 29 -11.94 -4.09 -9.22
C ALA A 29 -10.88 -3.10 -9.69
N GLU A 30 -9.77 -3.62 -10.20
CA GLU A 30 -8.70 -2.75 -10.68
C GLU A 30 -9.24 -2.08 -11.93
N ASN A 31 -10.24 -2.70 -12.53
CA ASN A 31 -10.85 -2.17 -13.74
C ASN A 31 -11.65 -0.92 -13.42
N ASP A 32 -12.63 -1.09 -12.54
CA ASP A 32 -13.48 0.03 -12.16
C ASP A 32 -12.65 1.15 -11.57
N GLU A 33 -11.48 0.82 -11.05
CA GLU A 33 -10.60 1.81 -10.45
C GLU A 33 -9.94 2.67 -11.55
N LEU A 34 -9.67 2.05 -12.69
CA LEU A 34 -9.03 2.73 -13.80
C LEU A 34 -10.03 3.35 -14.77
N ARG A 35 -11.15 2.68 -14.99
CA ARG A 35 -12.16 3.21 -15.90
C ARG A 35 -12.94 4.29 -15.15
N GLU A 36 -12.19 5.07 -14.38
CA GLU A 36 -12.72 6.17 -13.59
C GLU A 36 -14.17 5.96 -13.11
N ASN A 37 -14.38 4.89 -12.35
CA ASN A 37 -15.71 4.57 -11.83
C ASN A 37 -15.61 4.10 -10.36
N GLU A 38 -15.42 5.08 -9.48
CA GLU A 38 -15.27 4.86 -8.04
C GLU A 38 -16.40 4.08 -7.33
N GLY A 39 -17.39 3.60 -8.07
CA GLY A 39 -18.50 2.90 -7.45
C GLY A 39 -18.41 1.40 -7.21
N SER A 40 -18.59 0.62 -8.27
CA SER A 40 -18.56 -0.85 -8.19
C SER A 40 -17.25 -1.37 -7.61
N CYS A 41 -16.19 -0.60 -7.81
CA CYS A 41 -14.85 -0.93 -7.32
C CYS A 41 -14.92 -1.20 -5.82
N LEU A 42 -16.00 -0.70 -5.20
CA LEU A 42 -16.23 -0.83 -3.77
C LEU A 42 -16.86 -2.16 -3.37
N ALA A 43 -17.78 -2.66 -4.19
CA ALA A 43 -18.45 -3.93 -3.91
C ALA A 43 -17.56 -5.09 -4.34
N PHE A 44 -16.54 -4.77 -5.14
CA PHE A 44 -15.58 -5.77 -5.63
C PHE A 44 -14.52 -6.03 -4.56
N MET A 45 -13.73 -5.01 -4.27
CA MET A 45 -12.68 -5.12 -3.28
C MET A 45 -13.24 -5.72 -2.02
N ARG A 46 -14.32 -5.12 -1.55
CA ARG A 46 -15.00 -5.51 -0.34
C ARG A 46 -15.47 -6.96 -0.36
N ALA A 47 -15.79 -7.45 -1.54
CA ALA A 47 -16.22 -8.84 -1.68
C ALA A 47 -14.97 -9.69 -1.73
N SER A 48 -14.10 -9.41 -2.70
CA SER A 48 -12.86 -10.15 -2.86
C SER A 48 -12.13 -10.18 -1.54
N SER A 49 -12.29 -9.12 -0.76
CA SER A 49 -11.63 -9.06 0.52
C SER A 49 -12.22 -10.11 1.47
N VAL A 50 -13.52 -10.05 1.71
CA VAL A 50 -14.15 -11.00 2.61
C VAL A 50 -13.68 -12.42 2.33
N LEU A 51 -13.74 -12.82 1.07
CA LEU A 51 -13.33 -14.16 0.73
C LEU A 51 -11.95 -14.54 1.22
N LYS A 52 -11.03 -13.59 1.13
CA LYS A 52 -9.66 -13.86 1.56
C LYS A 52 -9.67 -14.32 3.00
N SER A 53 -10.79 -14.06 3.68
CA SER A 53 -10.97 -14.42 5.09
C SER A 53 -11.30 -15.89 5.33
N LEU A 54 -12.28 -16.37 4.58
CA LEU A 54 -12.71 -17.75 4.68
C LEU A 54 -11.52 -18.68 4.82
N PRO A 55 -11.69 -19.72 5.63
CA PRO A 55 -10.66 -20.73 5.90
C PRO A 55 -10.88 -21.96 5.02
N PHE A 56 -11.68 -21.80 3.97
CA PHE A 56 -11.93 -22.90 3.06
C PHE A 56 -12.32 -22.40 1.69
N PRO A 57 -11.98 -23.17 0.66
CA PRO A 57 -12.33 -22.73 -0.70
C PRO A 57 -13.85 -22.83 -0.80
N ILE A 58 -14.42 -21.99 -1.65
CA ILE A 58 -15.85 -22.05 -1.87
C ILE A 58 -16.08 -23.06 -2.99
N THR A 59 -17.02 -23.96 -2.78
CA THR A 59 -17.29 -24.98 -3.77
C THR A 59 -18.61 -24.73 -4.49
N SER A 60 -19.72 -24.96 -3.80
CA SER A 60 -21.05 -24.77 -4.40
C SER A 60 -21.52 -23.36 -4.14
N MET A 61 -22.45 -22.89 -4.96
CA MET A 61 -22.98 -21.53 -4.80
C MET A 61 -23.82 -21.53 -3.54
N LYS A 62 -23.83 -22.66 -2.86
CA LYS A 62 -24.59 -22.86 -1.65
C LYS A 62 -23.86 -22.27 -0.44
N ASP A 63 -22.53 -22.39 -0.45
CA ASP A 63 -21.68 -21.92 0.64
C ASP A 63 -21.77 -20.41 0.86
N THR A 64 -22.03 -19.68 -0.21
CA THR A 64 -22.12 -18.23 -0.16
C THR A 64 -23.37 -17.73 0.54
N GLU A 65 -23.98 -18.60 1.34
CA GLU A 65 -25.17 -18.23 2.07
C GLU A 65 -24.74 -17.69 3.43
N GLY A 66 -25.11 -16.45 3.70
CA GLY A 66 -24.76 -15.83 4.97
C GLY A 66 -23.72 -14.74 4.81
N ILE A 67 -22.62 -15.09 4.16
CA ILE A 67 -21.53 -14.17 3.93
C ILE A 67 -22.00 -12.86 3.31
N PRO A 68 -21.63 -11.73 3.93
CA PRO A 68 -22.00 -10.39 3.47
C PRO A 68 -21.15 -9.80 2.34
N CYS A 69 -21.41 -8.53 2.05
CA CYS A 69 -20.70 -7.81 1.00
C CYS A 69 -20.85 -8.53 -0.34
N LEU A 70 -21.79 -9.47 -0.38
CA LEU A 70 -22.04 -10.27 -1.58
C LEU A 70 -23.40 -10.04 -2.21
N GLY A 71 -23.47 -9.06 -3.11
CA GLY A 71 -24.73 -8.75 -3.78
C GLY A 71 -24.99 -9.60 -5.01
N ASP A 72 -26.25 -9.63 -5.45
CA ASP A 72 -26.64 -10.42 -6.63
C ASP A 72 -25.73 -10.25 -7.84
N LYS A 73 -25.06 -9.12 -7.93
CA LYS A 73 -24.17 -8.84 -9.04
C LYS A 73 -22.88 -9.64 -9.00
N VAL A 74 -22.25 -9.70 -7.84
CA VAL A 74 -21.00 -10.41 -7.73
C VAL A 74 -21.16 -11.92 -7.77
N LYS A 75 -22.25 -12.41 -7.19
CA LYS A 75 -22.45 -13.84 -7.19
C LYS A 75 -22.40 -14.39 -8.62
N SER A 76 -23.05 -13.69 -9.54
CA SER A 76 -23.07 -14.13 -10.94
C SER A 76 -21.65 -14.13 -11.46
N ILE A 77 -20.76 -13.50 -10.72
CA ILE A 77 -19.36 -13.43 -11.10
C ILE A 77 -18.64 -14.66 -10.57
N ILE A 78 -19.10 -15.15 -9.42
CA ILE A 78 -18.54 -16.34 -8.78
C ILE A 78 -19.11 -17.49 -9.59
N GLU A 79 -20.35 -17.28 -9.99
CA GLU A 79 -21.11 -18.22 -10.79
C GLU A 79 -20.21 -18.71 -11.91
N GLY A 80 -19.78 -17.77 -12.75
CA GLY A 80 -18.93 -18.11 -13.89
C GLY A 80 -17.63 -18.78 -13.53
N ILE A 81 -17.41 -19.06 -12.25
CA ILE A 81 -16.19 -19.72 -11.83
C ILE A 81 -16.51 -21.17 -11.50
N ILE A 82 -17.44 -21.34 -10.57
CA ILE A 82 -17.88 -22.65 -10.11
C ILE A 82 -18.18 -23.56 -11.30
N GLU A 83 -19.10 -23.08 -12.13
CA GLU A 83 -19.55 -23.82 -13.30
C GLU A 83 -18.78 -23.50 -14.56
N ASP A 84 -17.48 -23.24 -14.44
CA ASP A 84 -16.70 -22.93 -15.64
C ASP A 84 -15.21 -23.03 -15.41
N GLY A 85 -14.72 -22.28 -14.43
CA GLY A 85 -13.31 -22.31 -14.14
C GLY A 85 -12.67 -20.93 -14.20
N GLU A 86 -13.30 -20.01 -14.91
CA GLU A 86 -12.76 -18.66 -15.02
C GLU A 86 -13.88 -17.66 -15.25
N SER A 87 -13.62 -16.40 -14.92
CA SER A 87 -14.63 -15.34 -15.05
C SER A 87 -14.63 -14.67 -16.42
N SER A 88 -15.67 -14.95 -17.18
CA SER A 88 -15.81 -14.37 -18.52
C SER A 88 -15.62 -12.86 -18.47
N GLU A 89 -16.12 -12.25 -17.39
CA GLU A 89 -16.01 -10.81 -17.23
C GLU A 89 -14.55 -10.45 -17.10
N ALA A 90 -13.91 -11.02 -16.08
CA ALA A 90 -12.51 -10.76 -15.81
C ALA A 90 -11.70 -11.11 -17.04
N LYS A 91 -11.79 -12.39 -17.42
CA LYS A 91 -11.08 -12.91 -18.57
C LYS A 91 -11.25 -11.97 -19.75
N ALA A 92 -12.32 -11.21 -19.75
CA ALA A 92 -12.59 -10.27 -20.84
C ALA A 92 -11.73 -9.02 -20.66
N VAL A 93 -11.87 -8.39 -19.51
CA VAL A 93 -11.14 -7.17 -19.21
C VAL A 93 -9.64 -7.27 -19.49
N LEU A 94 -9.03 -8.40 -19.13
CA LEU A 94 -7.59 -8.58 -19.34
C LEU A 94 -7.15 -8.39 -20.79
N ASN A 95 -8.09 -8.56 -21.71
CA ASN A 95 -7.75 -8.41 -23.11
C ASN A 95 -8.42 -7.18 -23.66
N ASP A 96 -8.85 -6.30 -22.76
CA ASP A 96 -9.52 -5.05 -23.14
C ASP A 96 -8.48 -3.94 -23.28
N GLU A 97 -8.25 -3.51 -24.52
CA GLU A 97 -7.24 -2.49 -24.82
C GLU A 97 -7.19 -1.26 -23.93
N ARG A 98 -8.31 -0.84 -23.35
CA ARG A 98 -8.23 0.35 -22.50
C ARG A 98 -7.49 -0.05 -21.25
N TYR A 99 -7.95 -1.15 -20.67
CA TYR A 99 -7.35 -1.69 -19.48
C TYR A 99 -5.85 -1.88 -19.73
N LYS A 100 -5.51 -2.98 -20.41
CA LYS A 100 -4.14 -3.34 -20.73
C LYS A 100 -3.20 -2.14 -20.75
N SER A 101 -3.50 -1.16 -21.59
CA SER A 101 -2.64 0.00 -21.69
C SER A 101 -2.57 0.76 -20.38
N PHE A 102 -3.72 1.11 -19.84
CA PHE A 102 -3.76 1.84 -18.60
C PHE A 102 -2.92 1.17 -17.52
N LYS A 103 -3.17 -0.11 -17.29
CA LYS A 103 -2.41 -0.84 -16.28
C LYS A 103 -0.99 -1.04 -16.78
N LEU A 104 -0.74 -0.61 -18.01
CA LEU A 104 0.58 -0.75 -18.60
C LEU A 104 1.39 0.53 -18.42
N PHE A 105 0.70 1.65 -18.38
CA PHE A 105 1.35 2.94 -18.22
C PHE A 105 1.51 3.30 -16.75
N THR A 106 0.41 3.20 -16.01
CA THR A 106 0.40 3.50 -14.59
C THR A 106 1.44 2.63 -13.92
N SER A 107 1.80 1.55 -14.61
CA SER A 107 2.80 0.63 -14.12
C SER A 107 4.14 1.35 -14.02
N VAL A 108 4.23 2.54 -14.59
CA VAL A 108 5.47 3.27 -14.50
C VAL A 108 5.43 4.14 -13.28
N PHE A 109 6.56 4.19 -12.58
CA PHE A 109 6.69 5.02 -11.41
C PHE A 109 6.65 6.41 -12.01
N GLY A 110 5.67 7.19 -11.58
CA GLY A 110 5.53 8.55 -12.09
C GLY A 110 4.32 8.69 -12.98
N VAL A 111 3.75 7.57 -13.43
CA VAL A 111 2.58 7.61 -14.30
C VAL A 111 1.27 7.55 -13.53
N GLY A 112 0.51 8.63 -13.59
CA GLY A 112 -0.77 8.68 -12.91
C GLY A 112 -1.86 8.32 -13.88
N LEU A 113 -3.11 8.42 -13.45
CA LEU A 113 -4.25 8.10 -14.31
C LEU A 113 -4.53 9.22 -15.31
N LYS A 114 -4.33 10.45 -14.86
CA LYS A 114 -4.56 11.60 -15.73
C LYS A 114 -3.50 11.58 -16.83
N THR A 115 -2.31 11.09 -16.49
CA THR A 115 -1.22 11.04 -17.45
C THR A 115 -1.35 9.80 -18.33
N ALA A 116 -1.88 8.74 -17.76
CA ALA A 116 -2.04 7.50 -18.50
C ALA A 116 -3.29 7.49 -19.34
N GLU A 117 -4.02 8.61 -19.30
CA GLU A 117 -5.24 8.69 -20.09
C GLU A 117 -5.02 9.58 -21.31
N LYS A 118 -4.20 10.62 -21.15
CA LYS A 118 -3.94 11.54 -22.26
C LYS A 118 -3.14 10.78 -23.30
N TRP A 119 -2.41 9.76 -22.85
CA TRP A 119 -1.60 8.96 -23.75
C TRP A 119 -2.45 7.97 -24.52
N PHE A 120 -3.31 7.27 -23.80
CA PHE A 120 -4.16 6.27 -24.41
C PHE A 120 -4.94 6.90 -25.54
N ARG A 121 -5.46 8.09 -25.29
CA ARG A 121 -6.24 8.81 -26.30
C ARG A 121 -5.35 9.33 -27.43
N MET A 122 -4.06 9.53 -27.15
CA MET A 122 -3.14 9.98 -28.19
C MET A 122 -2.92 8.84 -29.16
N GLY A 123 -3.15 7.61 -28.71
CA GLY A 123 -3.00 6.48 -29.60
C GLY A 123 -1.91 5.52 -29.22
N PHE A 124 -1.13 5.91 -28.23
CA PHE A 124 -0.04 5.06 -27.80
C PHE A 124 -0.62 3.82 -27.17
N ARG A 125 0.05 2.69 -27.38
CA ARG A 125 -0.40 1.41 -26.81
C ARG A 125 0.70 0.61 -26.13
N THR A 126 1.94 1.11 -26.19
CA THR A 126 3.06 0.44 -25.55
C THR A 126 3.99 1.51 -25.05
N LEU A 127 4.72 1.23 -23.97
CA LEU A 127 5.64 2.25 -23.47
C LEU A 127 6.99 2.15 -24.16
N SER A 128 7.04 1.38 -25.23
CA SER A 128 8.24 1.24 -25.99
C SER A 128 8.15 2.33 -27.02
N LYS A 129 6.90 2.68 -27.34
CA LYS A 129 6.64 3.72 -28.32
C LYS A 129 6.18 4.98 -27.58
N ILE A 130 6.84 5.28 -26.47
CA ILE A 130 6.47 6.46 -25.70
C ILE A 130 7.73 7.19 -25.34
N GLN A 131 8.59 6.53 -24.60
CA GLN A 131 9.86 7.15 -24.22
C GLN A 131 10.57 7.56 -25.51
N SER A 132 10.43 6.70 -26.51
CA SER A 132 11.01 6.92 -27.81
C SER A 132 10.47 8.20 -28.44
N ASP A 133 9.15 8.34 -28.51
CA ASP A 133 8.55 9.52 -29.13
C ASP A 133 9.25 10.83 -28.75
N LYS A 134 9.98 11.46 -29.61
CA LYS A 134 10.76 12.68 -29.34
C LYS A 134 9.83 13.90 -29.33
N SER A 135 8.84 13.94 -28.43
CA SER A 135 7.90 15.08 -28.46
C SER A 135 7.50 15.60 -27.08
N LEU A 136 6.87 14.70 -26.34
CA LEU A 136 6.36 14.96 -24.98
C LEU A 136 7.49 14.81 -23.95
N ARG A 137 7.60 15.74 -23.04
CA ARG A 137 8.69 15.72 -22.08
C ARG A 137 8.20 14.98 -20.85
N PHE A 138 9.13 14.41 -20.09
CA PHE A 138 8.78 13.65 -18.89
C PHE A 138 9.16 14.30 -17.56
N THR A 139 8.23 14.23 -16.62
CA THR A 139 8.43 14.77 -15.29
C THR A 139 9.58 14.00 -14.71
N GLN A 140 10.28 14.57 -13.75
CA GLN A 140 11.39 13.85 -13.17
C GLN A 140 10.88 12.55 -12.57
N MET A 141 9.80 12.63 -11.82
CA MET A 141 9.25 11.42 -11.21
C MET A 141 8.93 10.36 -12.26
N GLN A 142 8.80 10.76 -13.52
CA GLN A 142 8.50 9.80 -14.57
C GLN A 142 9.79 9.35 -15.24
N LYS A 143 10.67 10.29 -15.53
CA LYS A 143 11.93 9.93 -16.15
C LYS A 143 12.55 8.88 -15.25
N ALA A 144 12.38 9.12 -13.95
CA ALA A 144 12.91 8.23 -12.94
C ALA A 144 12.27 6.84 -13.07
N GLY A 145 10.96 6.80 -12.84
CA GLY A 145 10.23 5.56 -12.91
C GLY A 145 10.42 4.88 -14.25
N PHE A 146 11.07 5.59 -15.16
CA PHE A 146 11.34 5.07 -16.50
C PHE A 146 12.74 4.53 -16.62
N LEU A 147 13.71 5.34 -16.20
CA LEU A 147 15.10 4.96 -16.29
C LEU A 147 15.38 3.64 -15.57
N TYR A 148 14.62 3.38 -14.51
CA TYR A 148 14.81 2.16 -13.71
C TYR A 148 13.66 1.20 -13.80
N TYR A 149 12.75 1.50 -14.72
CA TYR A 149 11.57 0.68 -14.95
C TYR A 149 11.80 -0.82 -14.75
N GLU A 150 12.90 -1.31 -15.31
CA GLU A 150 13.22 -2.73 -15.23
C GLU A 150 13.34 -3.24 -13.80
N ASP A 151 14.35 -2.77 -13.08
CA ASP A 151 14.55 -3.24 -11.73
C ASP A 151 13.34 -3.00 -10.85
N LEU A 152 12.68 -1.86 -11.05
CA LEU A 152 11.52 -1.55 -10.25
C LEU A 152 10.40 -2.54 -10.48
N VAL A 153 10.07 -2.79 -11.74
CA VAL A 153 8.99 -3.72 -12.03
C VAL A 153 9.33 -5.10 -11.47
N SER A 154 10.63 -5.35 -11.37
CA SER A 154 11.10 -6.59 -10.80
C SER A 154 10.85 -6.32 -9.32
N CYS A 155 9.97 -7.09 -8.70
CA CYS A 155 9.66 -6.86 -7.29
C CYS A 155 10.80 -7.14 -6.32
N VAL A 156 10.51 -7.00 -5.02
CA VAL A 156 11.49 -7.22 -3.95
C VAL A 156 11.07 -8.24 -2.91
N ASN A 157 12.04 -9.01 -2.44
CA ASN A 157 11.81 -10.02 -1.43
C ASN A 157 12.29 -9.50 -0.10
N ARG A 158 12.21 -10.34 0.93
CA ARG A 158 12.66 -9.95 2.25
C ARG A 158 14.16 -9.61 2.25
N PRO A 159 15.00 -10.57 1.82
CA PRO A 159 16.44 -10.35 1.79
C PRO A 159 16.80 -9.00 1.18
N GLU A 160 15.96 -8.53 0.26
CA GLU A 160 16.21 -7.24 -0.34
C GLU A 160 15.76 -6.19 0.65
N ALA A 161 14.55 -6.36 1.15
CA ALA A 161 13.99 -5.43 2.11
C ALA A 161 14.99 -5.22 3.24
N GLU A 162 15.48 -6.33 3.80
CA GLU A 162 16.43 -6.26 4.90
C GLU A 162 17.69 -5.48 4.55
N ALA A 163 18.18 -5.66 3.33
CA ALA A 163 19.37 -4.94 2.89
C ALA A 163 19.07 -3.46 3.00
N VAL A 164 17.80 -3.11 2.81
CA VAL A 164 17.39 -1.71 2.89
C VAL A 164 17.26 -1.27 4.34
N SER A 165 16.79 -2.16 5.19
CA SER A 165 16.61 -1.83 6.59
C SER A 165 17.90 -1.33 7.21
N MET A 166 18.98 -2.12 7.08
CA MET A 166 20.26 -1.70 7.62
C MET A 166 20.59 -0.40 6.94
N LEU A 167 20.50 -0.45 5.63
CA LEU A 167 20.77 0.71 4.80
C LEU A 167 20.20 1.96 5.46
N VAL A 168 18.93 1.88 5.84
CA VAL A 168 18.27 2.99 6.47
C VAL A 168 18.86 3.27 7.83
N LYS A 169 19.01 2.24 8.64
CA LYS A 169 19.56 2.42 9.97
C LYS A 169 20.96 3.05 9.99
N GLU A 170 21.92 2.39 9.38
CA GLU A 170 23.29 2.90 9.34
C GLU A 170 23.28 4.39 8.94
N ALA A 171 22.18 4.83 8.33
CA ALA A 171 22.05 6.22 7.90
C ALA A 171 21.35 7.05 8.96
N VAL A 172 20.05 6.83 9.11
CA VAL A 172 19.27 7.57 10.08
C VAL A 172 19.93 7.62 11.45
N VAL A 173 20.62 6.55 11.81
CA VAL A 173 21.26 6.48 13.11
C VAL A 173 22.36 7.50 13.25
N THR A 174 22.95 7.87 12.12
CA THR A 174 24.03 8.83 12.15
C THR A 174 23.48 10.23 12.39
N PHE A 175 22.20 10.32 12.74
CA PHE A 175 21.59 11.61 13.01
C PHE A 175 20.71 11.56 14.24
N LEU A 176 20.62 10.37 14.84
CA LEU A 176 19.79 10.16 16.03
C LEU A 176 19.89 8.73 16.51
N PRO A 177 20.88 8.43 17.38
CA PRO A 177 21.03 7.06 17.90
C PRO A 177 19.79 6.67 18.67
N ASP A 178 18.88 7.62 18.80
CA ASP A 178 17.63 7.40 19.49
C ASP A 178 16.60 6.85 18.52
N ALA A 179 16.81 7.13 17.24
CA ALA A 179 15.90 6.70 16.17
C ALA A 179 15.39 5.27 16.26
N LEU A 180 14.14 5.09 15.82
CA LEU A 180 13.47 3.80 15.82
C LEU A 180 12.80 3.56 14.49
N VAL A 181 13.43 2.71 13.70
CA VAL A 181 12.90 2.39 12.39
C VAL A 181 12.24 1.03 12.34
N THR A 182 10.94 1.04 12.05
CA THR A 182 10.21 -0.21 11.95
C THR A 182 9.84 -0.51 10.52
N MET A 183 10.18 -1.70 10.03
CA MET A 183 9.83 -2.04 8.66
C MET A 183 8.34 -2.25 8.66
N THR A 184 7.66 -1.34 7.96
CA THR A 184 6.22 -1.35 7.89
C THR A 184 5.68 -1.64 6.49
N GLY A 185 4.35 -1.59 6.35
CA GLY A 185 3.69 -1.84 5.08
C GLY A 185 3.46 -3.31 4.85
N GLY A 186 3.27 -3.70 3.60
CA GLY A 186 3.06 -5.10 3.29
C GLY A 186 4.01 -6.07 3.96
N PHE A 187 5.31 -5.86 3.79
CA PHE A 187 6.32 -6.74 4.36
C PHE A 187 6.11 -7.07 5.83
N ARG A 188 5.63 -6.11 6.60
CA ARG A 188 5.40 -6.35 8.01
C ARG A 188 4.12 -7.17 8.21
N ARG A 189 3.36 -7.31 7.13
CA ARG A 189 2.12 -8.08 7.22
C ARG A 189 2.43 -9.54 6.95
N GLY A 190 3.59 -9.78 6.36
CA GLY A 190 3.95 -11.15 6.09
C GLY A 190 4.06 -11.45 4.61
N LYS A 191 4.01 -10.42 3.78
CA LYS A 191 4.17 -10.64 2.36
C LYS A 191 5.65 -10.98 2.30
N MET A 192 6.03 -11.92 1.45
CA MET A 192 7.43 -12.29 1.35
C MET A 192 8.03 -11.49 0.20
N THR A 193 7.23 -10.54 -0.29
CA THR A 193 7.66 -9.72 -1.40
C THR A 193 6.62 -8.64 -1.65
N GLY A 194 7.08 -7.42 -1.97
CA GLY A 194 6.17 -6.31 -2.21
C GLY A 194 6.65 -5.35 -3.29
N HIS A 195 5.92 -4.26 -3.44
CA HIS A 195 6.27 -3.29 -4.44
C HIS A 195 7.36 -2.39 -3.97
N ASP A 196 7.24 -2.01 -2.72
CA ASP A 196 8.21 -1.15 -2.12
C ASP A 196 8.43 -1.53 -0.67
N VAL A 197 9.44 -0.92 -0.07
CA VAL A 197 9.87 -1.13 1.30
C VAL A 197 9.38 0.05 2.15
N ASP A 198 8.28 -0.16 2.84
CA ASP A 198 7.72 0.90 3.66
C ASP A 198 8.43 0.95 5.04
N PHE A 199 8.74 2.17 5.47
CA PHE A 199 9.42 2.37 6.75
C PHE A 199 8.79 3.49 7.57
N LEU A 200 8.90 3.37 8.89
CA LEU A 200 8.39 4.34 9.84
C LEU A 200 9.53 4.70 10.80
N ILE A 201 9.87 5.98 10.81
CA ILE A 201 10.96 6.45 11.62
C ILE A 201 10.50 7.38 12.71
N THR A 202 10.94 7.12 13.93
CA THR A 202 10.56 7.94 15.07
C THR A 202 11.66 7.98 16.14
N SER A 203 11.44 8.76 17.20
CA SER A 203 12.38 8.90 18.32
C SER A 203 11.88 9.76 19.50
N PRO A 204 11.97 9.24 20.73
CA PRO A 204 11.54 9.93 21.96
C PRO A 204 12.18 11.30 22.09
N GLU A 205 13.49 11.31 22.34
CA GLU A 205 14.22 12.54 22.48
C GLU A 205 14.56 13.10 21.10
N ALA A 206 13.77 14.10 20.70
CA ALA A 206 13.92 14.76 19.41
C ALA A 206 13.01 15.98 19.39
N THR A 207 13.60 17.14 19.12
CA THR A 207 12.86 18.39 19.07
C THR A 207 11.98 18.46 17.83
N GLU A 208 11.10 19.45 17.79
CA GLU A 208 10.23 19.63 16.64
C GLU A 208 11.05 20.34 15.56
N ASP A 209 12.37 20.20 15.68
CA ASP A 209 13.28 20.83 14.74
C ASP A 209 14.11 19.75 14.09
N GLU A 210 14.68 18.89 14.93
CA GLU A 210 15.50 17.79 14.45
C GLU A 210 14.68 16.89 13.54
N GLU A 211 13.38 16.87 13.79
CA GLU A 211 12.49 16.06 12.98
C GLU A 211 12.45 16.54 11.53
N GLN A 212 12.08 17.79 11.36
CA GLN A 212 11.98 18.34 10.02
C GLN A 212 13.30 18.54 9.32
N GLN A 213 14.30 17.73 9.63
CA GLN A 213 15.58 17.94 8.97
C GLN A 213 16.24 16.62 8.62
N LEU A 214 15.84 15.59 9.35
CA LEU A 214 16.40 14.27 9.17
C LEU A 214 16.11 13.63 7.82
N LEU A 215 14.87 13.72 7.36
CA LEU A 215 14.50 13.11 6.10
C LEU A 215 15.29 13.69 4.93
N HIS A 216 15.97 14.80 5.18
CA HIS A 216 16.74 15.46 4.12
C HIS A 216 18.19 15.09 4.21
N LYS A 217 18.76 15.32 5.39
CA LYS A 217 20.17 15.03 5.63
C LYS A 217 20.49 13.58 5.29
N VAL A 218 19.59 12.69 5.67
CA VAL A 218 19.79 11.28 5.39
C VAL A 218 19.76 11.13 3.88
N THR A 219 18.84 11.86 3.24
CA THR A 219 18.71 11.82 1.80
C THR A 219 20.04 12.27 1.21
N ASP A 220 20.49 13.45 1.64
CA ASP A 220 21.73 14.00 1.17
C ASP A 220 22.87 13.02 1.40
N PHE A 221 22.83 12.32 2.53
CA PHE A 221 23.87 11.37 2.87
C PHE A 221 24.09 10.28 1.83
N TRP A 222 23.02 9.60 1.42
CA TRP A 222 23.18 8.58 0.39
C TRP A 222 23.56 9.27 -0.90
N LYS A 223 23.00 10.45 -1.11
CA LYS A 223 23.29 11.23 -2.31
C LYS A 223 24.81 11.34 -2.32
N GLN A 224 25.39 11.60 -1.15
CA GLN A 224 26.84 11.73 -0.99
C GLN A 224 27.64 10.49 -1.41
N GLN A 225 26.95 9.37 -1.55
CA GLN A 225 27.61 8.14 -1.92
C GLN A 225 27.22 7.61 -3.30
N GLY A 226 26.00 7.92 -3.72
CA GLY A 226 25.56 7.47 -5.04
C GLY A 226 24.30 6.65 -4.95
N LEU A 227 24.01 6.16 -3.76
CA LEU A 227 22.84 5.33 -3.50
C LEU A 227 21.49 5.97 -3.82
N LEU A 228 21.43 7.29 -3.77
CA LEU A 228 20.17 7.97 -4.04
C LEU A 228 19.96 8.07 -5.54
N LEU A 229 18.80 7.60 -6.01
CA LEU A 229 18.50 7.64 -7.43
C LEU A 229 17.38 8.62 -7.73
N TYR A 230 16.57 8.94 -6.73
CA TYR A 230 15.47 9.87 -6.91
C TYR A 230 14.93 10.20 -5.55
N CYS A 231 14.43 11.43 -5.40
CA CYS A 231 13.89 11.90 -4.13
C CYS A 231 12.77 12.93 -4.26
N ASP A 232 11.82 12.86 -3.33
CA ASP A 232 10.68 13.78 -3.27
C ASP A 232 10.21 13.88 -1.83
N ILE A 233 10.90 14.72 -1.08
CA ILE A 233 10.59 14.89 0.32
C ILE A 233 9.40 15.80 0.55
N LEU A 234 8.23 15.21 0.77
CA LEU A 234 7.04 16.00 1.03
C LEU A 234 7.08 16.42 2.50
N GLU A 235 7.16 17.72 2.74
CA GLU A 235 7.21 18.25 4.10
C GLU A 235 5.94 17.91 4.87
N SER A 236 6.13 17.48 6.12
CA SER A 236 5.01 17.13 6.96
C SER A 236 3.99 18.26 6.95
N THR A 237 2.77 17.96 6.52
CA THR A 237 1.73 18.97 6.48
C THR A 237 0.68 18.77 7.57
N PHE A 238 0.25 17.52 7.76
CA PHE A 238 -0.77 17.21 8.77
C PHE A 238 -0.32 17.65 10.16
N GLU A 239 -1.19 17.48 11.14
CA GLU A 239 -0.90 17.86 12.51
C GLU A 239 -1.42 16.83 13.52
N GLN A 243 -8.53 17.77 14.21
CA GLN A 243 -9.72 17.02 13.81
C GLN A 243 -9.37 16.06 12.69
N PRO A 244 -9.36 14.75 13.00
CA PRO A 244 -9.05 13.69 12.03
C PRO A 244 -10.00 13.62 10.82
N SER A 245 -9.47 13.98 9.66
CA SER A 245 -10.20 13.98 8.40
C SER A 245 -11.00 12.70 8.16
N ARG A 246 -11.86 12.72 7.17
CA ARG A 246 -12.67 11.55 6.83
C ARG A 246 -13.03 11.45 5.34
N LYS A 247 -12.70 12.49 4.58
CA LYS A 247 -12.99 12.53 3.14
C LYS A 247 -11.87 13.05 2.23
N VAL A 248 -11.58 12.31 1.13
CA VAL A 248 -10.60 12.66 0.10
C VAL A 248 -9.38 13.46 0.56
N ASP A 249 -8.79 13.10 1.69
CA ASP A 249 -7.66 13.84 2.18
C ASP A 249 -6.34 13.10 2.28
N ALA A 250 -5.43 13.50 1.40
CA ALA A 250 -4.08 12.98 1.33
C ALA A 250 -3.36 14.32 1.34
N LEU A 251 -4.14 15.34 1.64
CA LEU A 251 -3.72 16.73 1.71
C LEU A 251 -2.92 17.03 2.95
N ASP A 252 -3.11 16.23 4.00
CA ASP A 252 -2.37 16.40 5.25
C ASP A 252 -1.71 15.08 5.69
N HIS A 253 -0.38 15.08 5.75
CA HIS A 253 0.41 13.90 6.09
C HIS A 253 1.67 14.20 6.91
N PHE A 254 2.26 13.14 7.48
CA PHE A 254 3.50 13.28 8.24
C PHE A 254 4.57 13.57 7.19
N GLN A 255 5.77 13.90 7.64
CA GLN A 255 6.84 14.16 6.69
C GLN A 255 7.24 12.83 6.09
N LYS A 256 6.97 12.68 4.80
CA LYS A 256 7.32 11.44 4.13
C LYS A 256 8.16 11.72 2.88
N CYS A 257 8.77 10.66 2.37
CA CYS A 257 9.59 10.79 1.19
C CYS A 257 9.60 9.53 0.34
N PHE A 258 9.48 9.73 -0.97
CA PHE A 258 9.49 8.62 -1.92
C PHE A 258 10.88 8.50 -2.53
N LEU A 259 11.44 7.32 -2.55
CA LEU A 259 12.78 7.21 -3.10
C LEU A 259 13.02 6.00 -3.97
N ILE A 260 14.26 5.89 -4.40
CA ILE A 260 14.73 4.80 -5.23
C ILE A 260 16.21 4.69 -4.91
N LEU A 261 16.58 3.65 -4.18
CA LEU A 261 17.96 3.48 -3.82
C LEU A 261 18.65 2.53 -4.75
N LYS A 262 19.97 2.57 -4.66
CA LYS A 262 20.86 1.73 -5.43
C LYS A 262 21.37 0.69 -4.44
N LEU A 263 20.81 -0.51 -4.48
CA LEU A 263 21.21 -1.55 -3.56
C LEU A 263 22.24 -2.50 -4.14
N ASP A 264 23.53 -2.18 -3.96
CA ASP A 264 24.62 -3.00 -4.47
C ASP A 264 24.32 -4.43 -4.03
N HIS A 265 24.17 -5.37 -4.97
CA HIS A 265 23.84 -6.75 -4.59
C HIS A 265 24.84 -7.36 -3.62
N GLY A 266 26.06 -6.84 -3.61
CA GLY A 266 27.05 -7.39 -2.70
C GLY A 266 26.54 -7.30 -1.28
N ARG A 267 25.83 -6.21 -0.99
CA ARG A 267 25.32 -5.94 0.35
C ARG A 267 24.00 -6.63 0.70
N VAL A 268 23.71 -7.76 0.04
CA VAL A 268 22.47 -8.48 0.32
C VAL A 268 22.75 -9.89 0.77
N HIS A 269 21.81 -10.47 1.52
CA HIS A 269 21.95 -11.81 2.08
C HIS A 269 20.93 -12.83 1.60
N SER A 270 21.13 -13.34 0.39
CA SER A 270 20.22 -14.33 -0.18
C SER A 270 21.00 -15.57 -0.55
N GLU A 271 20.41 -16.74 -0.36
CA GLU A 271 21.07 -18.00 -0.71
C GLU A 271 21.00 -18.17 -2.21
N LYS A 272 21.76 -17.34 -2.91
CA LYS A 272 21.74 -17.40 -4.36
C LYS A 272 23.05 -16.92 -5.00
N SER A 273 23.94 -17.86 -5.31
CA SER A 273 25.22 -17.53 -5.94
C SER A 273 25.99 -16.48 -5.14
N GLU A 277 25.52 -11.48 -12.84
CA GLU A 277 24.68 -10.56 -13.65
C GLU A 277 25.17 -9.11 -13.62
N GLY A 278 25.21 -8.45 -14.78
CA GLY A 278 25.65 -7.06 -14.88
C GLY A 278 24.86 -6.17 -13.91
N LYS A 279 25.37 -4.95 -13.68
CA LYS A 279 24.74 -4.00 -12.77
C LYS A 279 24.69 -4.60 -11.37
N GLY A 280 25.83 -4.60 -10.69
CA GLY A 280 25.90 -5.17 -9.36
C GLY A 280 24.79 -4.75 -8.43
N TRP A 281 24.10 -3.66 -8.75
CA TRP A 281 23.03 -3.15 -7.91
C TRP A 281 21.63 -3.30 -8.49
N LYS A 282 20.67 -2.66 -7.84
CA LYS A 282 19.27 -2.70 -8.26
C LYS A 282 18.49 -1.53 -7.70
N ALA A 283 17.88 -0.77 -8.59
CA ALA A 283 17.09 0.37 -8.15
C ALA A 283 15.92 -0.20 -7.36
N ILE A 284 15.69 0.35 -6.18
CA ILE A 284 14.62 -0.12 -5.34
C ILE A 284 13.82 0.99 -4.67
N ARG A 285 12.50 0.89 -4.81
CA ARG A 285 11.53 1.83 -4.24
C ARG A 285 11.42 1.77 -2.71
N VAL A 286 11.50 2.92 -2.07
CA VAL A 286 11.39 2.99 -0.62
C VAL A 286 10.62 4.21 -0.17
N ASP A 287 9.83 4.03 0.87
CA ASP A 287 9.04 5.12 1.42
C ASP A 287 9.68 5.40 2.77
N LEU A 288 9.48 6.59 3.29
CA LEU A 288 10.03 6.94 4.58
C LEU A 288 9.11 7.91 5.25
N VAL A 289 8.83 7.68 6.52
CA VAL A 289 7.94 8.56 7.25
C VAL A 289 8.51 8.84 8.62
N MET A 290 8.31 10.08 9.06
CA MET A 290 8.78 10.49 10.36
C MET A 290 7.56 10.98 11.11
N CYS A 291 7.47 10.66 12.39
CA CYS A 291 6.35 11.09 13.20
C CYS A 291 6.81 11.40 14.61
N PRO A 292 6.40 12.53 15.16
CA PRO A 292 6.84 12.83 16.52
C PRO A 292 6.53 11.60 17.38
N TYR A 293 7.44 11.25 18.27
CA TYR A 293 7.28 10.09 19.13
C TYR A 293 5.86 9.87 19.67
N ASP A 294 5.19 10.94 20.08
CA ASP A 294 3.84 10.81 20.65
C ASP A 294 2.77 10.37 19.66
N ARG A 295 3.20 9.97 18.46
CA ARG A 295 2.27 9.54 17.44
C ARG A 295 2.69 8.31 16.64
N ARG A 296 3.66 7.59 17.18
CA ARG A 296 4.16 6.39 16.53
C ARG A 296 3.03 5.35 16.48
N ALA A 297 2.24 5.34 17.54
CA ALA A 297 1.12 4.42 17.72
C ALA A 297 0.13 4.37 16.56
N PHE A 298 -0.01 5.49 15.85
CA PHE A 298 -0.93 5.53 14.75
C PHE A 298 -0.22 5.47 13.41
N ALA A 299 1.03 5.95 13.39
CA ALA A 299 1.82 5.95 12.18
C ALA A 299 1.93 4.49 11.80
N LEU A 300 2.39 3.69 12.75
CA LEU A 300 2.52 2.26 12.53
C LEU A 300 1.19 1.66 12.01
N LEU A 301 0.12 1.81 12.80
CA LEU A 301 -1.14 1.25 12.38
C LEU A 301 -1.54 1.82 11.02
N GLY A 302 -1.48 3.14 10.91
CA GLY A 302 -1.86 3.76 9.66
C GLY A 302 -1.05 3.35 8.46
N TRP A 303 0.26 3.31 8.62
CA TRP A 303 1.13 2.96 7.51
C TRP A 303 1.40 1.48 7.39
N THR A 304 0.62 0.67 8.11
CA THR A 304 0.83 -0.77 8.09
C THR A 304 -0.17 -1.49 7.16
N GLY A 305 -1.27 -0.82 6.83
CA GLY A 305 -2.29 -1.41 5.95
C GLY A 305 -3.10 -2.52 6.62
N SER A 306 -3.76 -3.37 5.85
CA SER A 306 -3.77 -3.33 4.40
C SER A 306 -4.59 -2.14 3.91
N ARG A 307 -4.44 -1.82 2.63
CA ARG A 307 -5.17 -0.70 2.05
C ARG A 307 -6.62 -0.85 2.47
N GLN A 308 -7.20 -1.97 2.09
CA GLN A 308 -8.59 -2.22 2.38
C GLN A 308 -8.84 -2.35 3.87
N PHE A 309 -7.84 -2.79 4.61
CA PHE A 309 -8.03 -2.96 6.04
C PHE A 309 -8.19 -1.59 6.68
N GLU A 310 -7.23 -0.73 6.42
CA GLU A 310 -7.24 0.63 6.94
C GLU A 310 -8.59 1.25 6.68
N ARG A 311 -8.96 1.27 5.41
CA ARG A 311 -10.22 1.84 5.00
C ARG A 311 -11.34 1.37 5.93
N ASP A 312 -11.58 0.06 5.97
CA ASP A 312 -12.65 -0.51 6.80
C ASP A 312 -12.46 -0.23 8.28
N LEU A 313 -11.22 -0.02 8.69
CA LEU A 313 -10.98 0.21 10.09
C LEU A 313 -11.68 1.49 10.54
N ARG A 314 -11.19 2.61 10.05
CA ARG A 314 -11.72 3.91 10.38
C ARG A 314 -13.15 4.05 9.89
N ARG A 315 -13.51 3.22 8.92
CA ARG A 315 -14.86 3.24 8.36
C ARG A 315 -15.77 2.69 9.43
N TYR A 316 -15.21 1.78 10.23
CA TYR A 316 -15.92 1.18 11.34
C TYR A 316 -15.92 2.23 12.42
N ALA A 317 -14.72 2.77 12.68
CA ALA A 317 -14.53 3.79 13.69
C ALA A 317 -15.65 4.81 13.63
N THR A 318 -15.83 5.40 12.46
CA THR A 318 -16.89 6.37 12.30
C THR A 318 -18.22 5.67 12.53
N HIS A 319 -18.81 5.19 11.44
CA HIS A 319 -20.10 4.50 11.44
C HIS A 319 -20.53 3.67 12.69
N GLU A 320 -19.60 3.04 13.40
CA GLU A 320 -19.98 2.20 14.54
C GLU A 320 -19.64 2.68 15.96
N ARG A 321 -18.57 3.45 16.10
CA ARG A 321 -18.17 3.92 17.43
C ARG A 321 -18.23 5.42 17.59
N LYS A 322 -18.71 6.11 16.57
CA LYS A 322 -18.82 7.55 16.60
C LYS A 322 -17.46 8.24 16.77
N MET A 323 -16.40 7.54 16.37
CA MET A 323 -15.03 8.08 16.50
C MET A 323 -14.40 8.37 15.16
N MET A 324 -13.27 9.06 15.22
CA MET A 324 -12.56 9.41 14.01
C MET A 324 -11.09 8.96 14.06
N LEU A 325 -10.73 8.02 13.20
CA LEU A 325 -9.36 7.50 13.16
C LEU A 325 -8.51 8.12 12.05
N ASP A 326 -7.53 8.91 12.47
CA ASP A 326 -6.64 9.59 11.55
C ASP A 326 -5.43 8.72 11.32
N ASN A 327 -4.56 9.15 10.42
CA ASN A 327 -3.32 8.42 10.16
C ASN A 327 -2.51 8.82 11.38
N HIS A 328 -2.92 9.94 11.98
CA HIS A 328 -2.26 10.51 13.16
C HIS A 328 -2.92 10.36 14.53
N ALA A 329 -4.21 10.64 14.67
CA ALA A 329 -4.87 10.51 15.99
C ALA A 329 -6.38 10.21 15.92
N LEU A 330 -6.86 9.43 16.88
CA LEU A 330 -8.28 9.08 16.94
C LEU A 330 -9.01 10.15 17.71
N TYR A 331 -10.34 10.17 17.57
CA TYR A 331 -11.15 11.15 18.25
C TYR A 331 -12.52 10.60 18.59
N ASP A 332 -12.97 10.90 19.80
CA ASP A 332 -14.25 10.45 20.30
C ASP A 332 -15.31 11.56 20.24
N ARG A 333 -15.98 11.69 19.09
CA ARG A 333 -17.01 12.70 18.87
C ARG A 333 -18.10 12.88 19.94
N THR A 334 -18.28 11.87 20.80
CA THR A 334 -19.31 11.93 21.84
C THR A 334 -18.80 12.66 23.09
N LYS A 335 -17.64 12.24 23.56
CA LYS A 335 -17.01 12.85 24.72
C LYS A 335 -16.02 13.90 24.27
N ARG A 336 -16.08 14.24 22.98
CA ARG A 336 -15.24 15.25 22.37
C ARG A 336 -13.82 15.28 22.89
N VAL A 337 -13.17 14.13 22.91
CA VAL A 337 -11.82 14.07 23.42
C VAL A 337 -10.86 13.24 22.57
N PHE A 338 -9.60 13.65 22.58
CA PHE A 338 -8.56 12.95 21.85
C PHE A 338 -8.07 11.71 22.57
N LEU A 339 -8.65 10.57 22.28
CA LEU A 339 -8.19 9.32 22.88
C LEU A 339 -6.83 9.00 22.27
N GLU A 340 -5.94 8.42 23.05
CA GLU A 340 -4.62 8.10 22.53
C GLU A 340 -4.12 6.76 23.04
N ALA A 341 -2.95 6.33 22.53
CA ALA A 341 -2.38 5.06 22.93
C ALA A 341 -0.86 4.95 22.63
N GLU A 342 -0.21 3.99 23.27
CA GLU A 342 1.22 3.76 23.09
C GLU A 342 1.49 2.52 22.25
N SER A 343 0.44 1.93 21.68
CA SER A 343 0.55 0.74 20.84
C SER A 343 -0.73 0.52 20.05
N GLU A 344 -0.63 -0.20 18.94
CA GLU A 344 -1.79 -0.48 18.12
C GLU A 344 -2.76 -1.24 19.00
N GLU A 345 -2.21 -2.22 19.69
CA GLU A 345 -2.97 -3.07 20.59
C GLU A 345 -3.98 -2.24 21.38
N GLU A 346 -3.49 -1.15 21.95
CA GLU A 346 -4.34 -0.28 22.74
C GLU A 346 -5.45 0.36 21.92
N ILE A 347 -5.09 0.81 20.72
CA ILE A 347 -6.04 1.48 19.86
C ILE A 347 -7.29 0.65 19.55
N PHE A 348 -7.10 -0.64 19.30
CA PHE A 348 -8.25 -1.49 19.00
C PHE A 348 -9.11 -1.57 20.24
N ALA A 349 -8.43 -1.72 21.37
CA ALA A 349 -9.11 -1.82 22.65
C ALA A 349 -9.97 -0.58 22.81
N HIS A 350 -9.50 0.53 22.24
CA HIS A 350 -10.23 1.79 22.29
C HIS A 350 -11.44 1.73 21.36
N LEU A 351 -11.20 1.32 20.12
CA LEU A 351 -12.29 1.23 19.16
C LEU A 351 -13.22 0.12 19.58
N GLY A 352 -12.84 -0.59 20.64
CA GLY A 352 -13.65 -1.68 21.11
C GLY A 352 -13.54 -2.85 20.16
N LEU A 353 -12.30 -3.21 19.83
CA LEU A 353 -12.06 -4.31 18.92
C LEU A 353 -11.04 -5.34 19.42
N ASP A 354 -11.31 -6.61 19.14
CA ASP A 354 -10.39 -7.68 19.52
C ASP A 354 -9.23 -7.52 18.55
N TYR A 355 -8.05 -7.26 19.09
CA TYR A 355 -6.83 -7.06 18.33
C TYR A 355 -6.66 -7.97 17.12
N ILE A 356 -6.09 -7.41 16.05
CA ILE A 356 -5.84 -8.13 14.81
C ILE A 356 -4.35 -7.98 14.59
N GLU A 357 -3.63 -9.09 14.71
CA GLU A 357 -2.19 -9.05 14.53
C GLU A 357 -1.86 -8.52 13.14
N PRO A 358 -0.72 -7.85 13.00
CA PRO A 358 -0.32 -7.29 11.71
C PRO A 358 -0.42 -8.25 10.53
N TRP A 359 -0.03 -9.50 10.72
CA TRP A 359 -0.09 -10.43 9.60
C TRP A 359 -1.51 -10.92 9.36
N GLU A 360 -2.43 -10.35 10.12
CA GLU A 360 -3.84 -10.72 10.02
C GLU A 360 -4.63 -9.64 9.32
N ARG A 361 -3.92 -8.57 8.93
CA ARG A 361 -4.50 -7.41 8.26
C ARG A 361 -4.12 -7.50 6.80
N ASN A 362 -4.28 -8.68 6.23
CA ASN A 362 -3.91 -8.84 4.84
C ASN A 362 -5.04 -8.90 3.86
N ALA A 363 -5.98 -7.97 4.01
CA ALA A 363 -7.11 -7.86 3.11
C ALA A 363 -6.66 -6.92 1.99
CO CO B . 4.92 -0.85 0.37
CO CO C . 4.40 2.61 -0.13
NA NA D . 2.49 5.03 -10.78
PG DAD E . 3.52 -2.79 -1.74
O1G DAD E . 3.87 -4.21 -1.47
O2G DAD E . 4.27 -1.79 -0.93
O3G DAD E . 3.65 -2.51 -3.18
PB DAD E . 1.64 -2.13 0.19
O1B DAD E . 0.35 -2.59 0.59
O2B DAD E . 2.71 -2.19 1.17
O3B DAD E . 1.97 -2.39 -1.37
PA DAD E . 1.66 0.71 -0.35
O1A DAD E . 2.96 1.29 -0.67
O2A DAD E . 0.56 1.02 -1.27
O3A DAD E . 1.55 -0.54 0.55
O5' DAD E . 1.17 1.56 0.72
C5' DAD E . 0.34 1.87 1.63
C4' DAD E . 0.05 2.22 3.03
O4' DAD E . 0.47 3.61 3.12
C3' DAD E . -1.42 2.10 2.88
C2' DAD E . -1.91 3.39 3.57
C1' DAD E . -0.69 4.40 3.53
N9 DAD E . -0.87 5.54 2.59
C8 DAD E . -0.37 5.77 1.28
N7 DAD E . -0.74 6.90 0.75
C5 DAD E . -1.53 7.47 1.76
C6 DAD E . -2.29 8.72 1.86
N6 DAD E . -2.30 9.61 0.87
N1 DAD E . -2.99 8.97 3.04
C2 DAD E . -2.97 8.08 4.06
N3 DAD E . -2.33 6.90 4.05
C4 DAD E . -1.62 6.64 2.87
#